data_1T65
#
_entry.id   1T65
#
_cell.length_a   55.600
_cell.length_b   67.580
_cell.length_c   69.320
_cell.angle_alpha   90
_cell.angle_beta   90
_cell.angle_gamma   90
#
_symmetry.space_group_name_H-M   'P 21 21 21'
#
loop_
_entity.id
_entity.type
_entity.pdbx_description
1 polymer 'Androgen receptor'
2 polymer 'Nuclear receptor coactivator 2'
3 non-polymer 5-ALPHA-DIHYDROTESTOSTERONE
4 water water
#
loop_
_entity_poly.entity_id
_entity_poly.type
_entity_poly.pdbx_seq_one_letter_code
_entity_poly.pdbx_strand_id
1 'polypeptide(L)'
;CQPIFLNVLEAIEPGVVCAGHDNNQPDSFAALLSSLNELGERQLVHVVKWAKALPGFRNLHVDDQMAVIQYSWMGLMVFA
MGWRSFTNVNSRMLYFAPDLVFNEYRMHKSRMYSQCVRMRHLSQEFGWLQITPQEFLCMKALLLFSIIPVDGLKNQKFFD
ELRMNYIKELDRIIACKRKNPTSCSRRFYQLTKLLDSVQPIARELHQFTFDLLIKSHMVSVDFPEMMAEIISVQVPKILS
GKVKPIYFHTQ
;
A
2 'polypeptide(L)' KHKILHRLLQDSS B
#
# COMPACT_ATOMS: atom_id res chain seq x y z
N CYS A 1 14.84 -22.70 -16.83
CA CYS A 1 15.37 -21.92 -15.68
C CYS A 1 14.30 -21.69 -14.61
N GLN A 2 14.72 -21.66 -13.35
CA GLN A 2 13.80 -21.46 -12.24
C GLN A 2 13.67 -19.97 -11.88
N PRO A 3 12.44 -19.46 -11.81
CA PRO A 3 12.21 -18.05 -11.47
C PRO A 3 12.33 -17.84 -9.96
N ILE A 4 13.56 -17.90 -9.46
CA ILE A 4 13.83 -17.73 -8.04
C ILE A 4 13.15 -16.53 -7.40
N PHE A 5 13.34 -15.35 -7.96
CA PHE A 5 12.74 -14.12 -7.43
C PHE A 5 11.22 -14.23 -7.28
N LEU A 6 10.53 -14.59 -8.35
CA LEU A 6 9.09 -14.73 -8.31
C LEU A 6 8.63 -15.85 -7.38
N ASN A 7 9.41 -16.93 -7.30
CA ASN A 7 9.07 -18.04 -6.40
C ASN A 7 8.96 -17.48 -5.00
N VAL A 8 9.92 -16.64 -4.62
CA VAL A 8 9.95 -16.04 -3.28
C VAL A 8 8.76 -15.11 -3.03
N LEU A 9 8.48 -14.22 -3.98
CA LEU A 9 7.37 -13.29 -3.81
C LEU A 9 6.04 -14.01 -3.61
N GLU A 10 5.82 -15.09 -4.34
CA GLU A 10 4.57 -15.83 -4.21
C GLU A 10 4.53 -16.53 -2.86
N ALA A 11 5.66 -17.09 -2.45
CA ALA A 11 5.76 -17.81 -1.20
C ALA A 11 5.52 -16.98 0.06
N ILE A 12 5.91 -15.72 0.05
CA ILE A 12 5.76 -14.85 1.22
C ILE A 12 4.49 -14.00 1.26
N GLU A 13 3.70 -14.03 0.18
CA GLU A 13 2.48 -13.24 0.10
C GLU A 13 1.55 -13.56 1.27
N PRO A 14 1.16 -12.53 2.05
CA PRO A 14 0.28 -12.67 3.21
C PRO A 14 -1.06 -13.30 2.88
N GLY A 15 -1.62 -14.02 3.84
CA GLY A 15 -2.91 -14.65 3.64
C GLY A 15 -4.03 -13.66 3.93
N VAL A 16 -5.24 -14.18 4.15
CA VAL A 16 -6.40 -13.36 4.42
C VAL A 16 -6.38 -12.71 5.81
N VAL A 17 -6.76 -11.45 5.88
CA VAL A 17 -6.82 -10.71 7.15
C VAL A 17 -8.23 -10.14 7.32
N CYS A 18 -8.84 -10.44 8.46
CA CYS A 18 -10.19 -9.97 8.76
C CYS A 18 -10.17 -8.74 9.66
N ALA A 19 -11.19 -7.90 9.56
CA ALA A 19 -11.26 -6.68 10.33
C ALA A 19 -11.96 -6.82 11.69
N GLY A 20 -12.82 -7.82 11.82
CA GLY A 20 -13.54 -8.03 13.07
C GLY A 20 -14.78 -7.15 13.21
N HIS A 21 -15.25 -6.59 12.09
CA HIS A 21 -16.42 -5.71 12.07
C HIS A 21 -17.74 -6.44 12.32
N ASP A 22 -18.68 -5.79 13.01
CA ASP A 22 -19.99 -6.40 13.26
C ASP A 22 -20.94 -5.96 12.16
N ASN A 23 -21.15 -6.83 11.18
CA ASN A 23 -22.02 -6.53 10.04
C ASN A 23 -23.50 -6.68 10.36
N ASN A 24 -23.82 -7.06 11.59
CA ASN A 24 -25.21 -7.22 12.01
C ASN A 24 -25.81 -5.89 12.50
N GLN A 25 -24.93 -4.92 12.77
CA GLN A 25 -25.35 -3.61 13.26
C GLN A 25 -25.52 -2.63 12.09
N PRO A 26 -26.46 -1.67 12.21
CA PRO A 26 -26.66 -0.71 11.12
C PRO A 26 -25.35 0.08 10.99
N ASP A 27 -25.01 0.51 9.78
CA ASP A 27 -23.78 1.25 9.56
C ASP A 27 -23.75 2.61 10.26
N SER A 28 -22.57 2.97 10.75
CA SER A 28 -22.37 4.26 11.41
C SER A 28 -20.94 4.71 11.13
N PHE A 29 -20.72 6.02 11.08
CA PHE A 29 -19.39 6.55 10.83
C PHE A 29 -18.37 6.02 11.82
N ALA A 30 -18.69 6.12 13.11
CA ALA A 30 -17.80 5.66 14.16
C ALA A 30 -17.38 4.19 14.07
N ALA A 31 -18.34 3.30 13.85
CA ALA A 31 -18.04 1.87 13.76
C ALA A 31 -17.27 1.51 12.50
N LEU A 32 -17.62 2.13 11.37
CA LEU A 32 -16.92 1.83 10.13
C LEU A 32 -15.47 2.28 10.19
N LEU A 33 -15.23 3.49 10.72
CA LEU A 33 -13.86 3.98 10.81
C LEU A 33 -13.04 3.25 11.86
N SER A 34 -13.67 2.89 12.97
CA SER A 34 -12.94 2.15 14.01
C SER A 34 -12.49 0.79 13.46
N SER A 35 -13.32 0.17 12.64
CA SER A 35 -12.99 -1.13 12.06
C SER A 35 -11.88 -0.98 11.02
N LEU A 36 -11.92 0.09 10.23
CA LEU A 36 -10.86 0.31 9.26
C LEU A 36 -9.54 0.50 9.99
N ASN A 37 -9.57 1.22 11.11
CA ASN A 37 -8.35 1.43 11.90
C ASN A 37 -7.81 0.11 12.47
N GLU A 38 -8.69 -0.77 12.93
CA GLU A 38 -8.28 -2.07 13.48
C GLU A 38 -7.70 -2.94 12.36
N LEU A 39 -8.30 -2.88 11.19
CA LEU A 39 -7.82 -3.66 10.05
C LEU A 39 -6.42 -3.15 9.70
N GLY A 40 -6.22 -1.84 9.84
CA GLY A 40 -4.91 -1.26 9.55
C GLY A 40 -3.87 -1.81 10.49
N GLU A 41 -4.20 -1.85 11.78
CA GLU A 41 -3.28 -2.36 12.79
C GLU A 41 -2.93 -3.82 12.53
N ARG A 42 -3.94 -4.62 12.15
CA ARG A 42 -3.73 -6.04 11.87
C ARG A 42 -2.91 -6.24 10.60
N GLN A 43 -3.19 -5.44 9.57
CA GLN A 43 -2.45 -5.56 8.34
C GLN A 43 -1.00 -5.11 8.52
N LEU A 44 -0.78 -4.16 9.41
CA LEU A 44 0.58 -3.67 9.67
C LEU A 44 1.47 -4.80 10.15
N VAL A 45 0.91 -5.70 10.95
CA VAL A 45 1.68 -6.85 11.45
C VAL A 45 2.12 -7.75 10.30
N HIS A 46 1.20 -8.03 9.37
CA HIS A 46 1.54 -8.89 8.23
C HIS A 46 2.50 -8.20 7.27
N VAL A 47 2.36 -6.88 7.12
CA VAL A 47 3.24 -6.14 6.22
C VAL A 47 4.68 -6.18 6.74
N VAL A 48 4.85 -6.10 8.06
CA VAL A 48 6.20 -6.14 8.62
C VAL A 48 6.84 -7.52 8.41
N LYS A 49 6.09 -8.58 8.64
CA LYS A 49 6.60 -9.94 8.47
C LYS A 49 6.93 -10.21 7.01
N TRP A 50 6.10 -9.66 6.12
CA TRP A 50 6.28 -9.79 4.67
C TRP A 50 7.55 -9.07 4.23
N ALA A 51 7.65 -7.79 4.60
CA ALA A 51 8.81 -6.97 4.23
C ALA A 51 10.12 -7.59 4.69
N LYS A 52 10.15 -8.09 5.92
CA LYS A 52 11.37 -8.71 6.46
C LYS A 52 11.81 -9.95 5.69
N ALA A 53 10.90 -10.54 4.91
CA ALA A 53 11.21 -11.74 4.15
C ALA A 53 11.49 -11.45 2.66
N LEU A 54 11.48 -10.19 2.27
CA LEU A 54 11.73 -9.82 0.88
C LEU A 54 13.21 -9.98 0.52
N PRO A 55 13.50 -10.41 -0.71
CA PRO A 55 14.90 -10.57 -1.13
C PRO A 55 15.65 -9.25 -0.93
N GLY A 56 16.78 -9.32 -0.24
CA GLY A 56 17.61 -8.14 0.01
C GLY A 56 17.19 -7.12 1.06
N PHE A 57 16.03 -7.29 1.68
CA PHE A 57 15.58 -6.33 2.68
C PHE A 57 16.58 -6.14 3.82
N ARG A 58 17.27 -7.22 4.19
CA ARG A 58 18.26 -7.17 5.26
C ARG A 58 19.51 -6.39 4.89
N ASN A 59 19.63 -6.03 3.61
CA ASN A 59 20.79 -5.26 3.15
C ASN A 59 20.68 -3.81 3.64
N LEU A 60 19.47 -3.41 4.03
CA LEU A 60 19.21 -2.05 4.52
C LEU A 60 19.62 -1.86 5.97
N HIS A 61 19.96 -0.61 6.31
CA HIS A 61 20.33 -0.28 7.68
C HIS A 61 19.07 -0.46 8.52
N VAL A 62 19.22 -0.90 9.76
CA VAL A 62 18.09 -1.13 10.66
C VAL A 62 17.09 0.03 10.76
N ASP A 63 17.60 1.25 10.85
CA ASP A 63 16.74 2.41 10.95
C ASP A 63 15.93 2.67 9.68
N ASP A 64 16.51 2.32 8.54
CA ASP A 64 15.85 2.53 7.26
C ASP A 64 14.79 1.46 7.01
N GLN A 65 15.00 0.27 7.58
CA GLN A 65 14.02 -0.80 7.43
C GLN A 65 12.72 -0.35 8.06
N MET A 66 12.82 0.26 9.24
CA MET A 66 11.64 0.74 9.94
C MET A 66 11.01 1.92 9.21
N ALA A 67 11.85 2.84 8.74
CA ALA A 67 11.40 4.03 8.03
C ALA A 67 10.59 3.78 6.75
N VAL A 68 11.10 2.93 5.87
CA VAL A 68 10.37 2.66 4.62
C VAL A 68 9.01 2.04 4.89
N ILE A 69 8.90 1.23 5.94
CA ILE A 69 7.62 0.62 6.27
C ILE A 69 6.67 1.69 6.80
N GLN A 70 7.17 2.54 7.69
CA GLN A 70 6.36 3.61 8.28
C GLN A 70 5.87 4.64 7.26
N TYR A 71 6.60 4.83 6.17
CA TYR A 71 6.18 5.81 5.17
C TYR A 71 5.33 5.24 4.04
N SER A 72 5.58 4.01 3.64
CA SER A 72 4.82 3.44 2.53
C SER A 72 3.66 2.51 2.82
N TRP A 73 3.36 2.25 4.10
CA TRP A 73 2.25 1.33 4.40
C TRP A 73 0.92 1.70 3.77
N MET A 74 0.56 2.98 3.73
CA MET A 74 -0.72 3.38 3.15
C MET A 74 -0.81 2.97 1.67
N GLY A 75 0.21 3.32 0.89
CA GLY A 75 0.21 2.96 -0.52
C GLY A 75 0.19 1.44 -0.73
N LEU A 76 0.98 0.72 0.04
CA LEU A 76 1.04 -0.75 -0.05
C LEU A 76 -0.31 -1.39 0.21
N MET A 77 -0.98 -0.96 1.28
CA MET A 77 -2.28 -1.51 1.62
C MET A 77 -3.39 -1.14 0.64
N VAL A 78 -3.33 0.07 0.09
CA VAL A 78 -4.33 0.51 -0.88
C VAL A 78 -4.17 -0.30 -2.17
N PHE A 79 -2.94 -0.52 -2.60
CA PHE A 79 -2.66 -1.28 -3.82
C PHE A 79 -3.17 -2.71 -3.69
N ALA A 80 -2.88 -3.35 -2.56
CA ALA A 80 -3.32 -4.72 -2.31
C ALA A 80 -4.83 -4.81 -2.23
N MET A 81 -5.46 -3.80 -1.63
CA MET A 81 -6.92 -3.78 -1.50
C MET A 81 -7.56 -3.67 -2.87
N GLY A 82 -6.96 -2.86 -3.73
CA GLY A 82 -7.48 -2.72 -5.08
C GLY A 82 -7.43 -4.03 -5.84
N TRP A 83 -6.37 -4.80 -5.65
CA TRP A 83 -6.21 -6.08 -6.31
C TRP A 83 -7.25 -7.08 -5.79
N ARG A 84 -7.45 -7.10 -4.47
CA ARG A 84 -8.45 -8.01 -3.87
C ARG A 84 -9.83 -7.69 -4.41
N SER A 85 -10.12 -6.41 -4.56
CA SER A 85 -11.42 -5.97 -5.06
C SER A 85 -11.63 -6.49 -6.47
N PHE A 86 -10.59 -6.39 -7.28
CA PHE A 86 -10.66 -6.86 -8.66
C PHE A 86 -10.87 -8.37 -8.76
N THR A 87 -10.00 -9.13 -8.10
CA THR A 87 -10.07 -10.59 -8.15
C THR A 87 -11.29 -11.21 -7.48
N ASN A 88 -11.74 -10.63 -6.38
CA ASN A 88 -12.88 -11.21 -5.67
C ASN A 88 -14.27 -10.76 -6.10
N VAL A 89 -14.45 -9.47 -6.39
CA VAL A 89 -15.76 -8.97 -6.79
C VAL A 89 -15.77 -8.12 -8.06
N ASN A 90 -14.75 -8.29 -8.91
CA ASN A 90 -14.64 -7.54 -10.15
C ASN A 90 -14.86 -6.03 -9.99
N SER A 91 -14.28 -5.47 -8.93
CA SER A 91 -14.36 -4.04 -8.64
C SER A 91 -15.75 -3.49 -8.39
N ARG A 92 -16.72 -4.35 -8.12
CA ARG A 92 -18.09 -3.90 -7.87
C ARG A 92 -18.16 -3.18 -6.53
N MET A 93 -17.26 -3.53 -5.63
CA MET A 93 -17.19 -2.93 -4.29
C MET A 93 -15.73 -2.91 -3.81
N LEU A 94 -15.47 -2.20 -2.72
CA LEU A 94 -14.12 -2.16 -2.15
C LEU A 94 -14.01 -3.28 -1.12
N TYR A 95 -13.16 -4.25 -1.41
CA TYR A 95 -12.96 -5.41 -0.56
C TYR A 95 -11.83 -5.19 0.44
N PHE A 96 -12.09 -4.40 1.48
CA PHE A 96 -11.08 -4.14 2.50
C PHE A 96 -10.72 -5.45 3.19
N ALA A 97 -11.73 -6.27 3.46
CA ALA A 97 -11.55 -7.58 4.10
C ALA A 97 -12.82 -8.40 3.86
N PRO A 98 -12.76 -9.72 4.07
CA PRO A 98 -13.93 -10.58 3.85
C PRO A 98 -15.12 -10.05 4.63
N ASP A 99 -14.85 -9.51 5.81
CA ASP A 99 -15.89 -8.98 6.69
C ASP A 99 -16.02 -7.45 6.69
N LEU A 100 -15.49 -6.80 5.66
CA LEU A 100 -15.59 -5.34 5.55
C LEU A 100 -15.54 -4.95 4.08
N VAL A 101 -16.68 -5.09 3.41
CA VAL A 101 -16.81 -4.78 1.99
C VAL A 101 -17.68 -3.52 1.86
N PHE A 102 -17.16 -2.51 1.17
CA PHE A 102 -17.85 -1.24 0.99
C PHE A 102 -18.64 -1.06 -0.30
N ASN A 103 -19.94 -0.84 -0.18
CA ASN A 103 -20.78 -0.54 -1.34
C ASN A 103 -20.81 1.00 -1.35
N GLU A 104 -21.52 1.62 -2.30
CA GLU A 104 -21.56 3.08 -2.37
C GLU A 104 -22.12 3.74 -1.10
N TYR A 105 -23.11 3.10 -0.49
CA TYR A 105 -23.72 3.62 0.73
C TYR A 105 -22.68 3.75 1.83
N ARG A 106 -21.85 2.73 1.99
CA ARG A 106 -20.80 2.78 3.02
C ARG A 106 -19.71 3.79 2.65
N MET A 107 -19.45 3.95 1.36
CA MET A 107 -18.46 4.93 0.92
C MET A 107 -18.92 6.32 1.39
N HIS A 108 -20.21 6.58 1.25
CA HIS A 108 -20.80 7.85 1.65
C HIS A 108 -20.78 8.04 3.17
N LYS A 109 -21.15 6.97 3.88
CA LYS A 109 -21.21 7.01 5.34
C LYS A 109 -19.84 7.20 5.99
N SER A 110 -18.80 6.77 5.29
CA SER A 110 -17.42 6.87 5.79
C SER A 110 -16.86 8.29 5.72
N ARG A 111 -17.57 9.18 5.02
CA ARG A 111 -17.15 10.58 4.86
C ARG A 111 -15.89 10.76 4.02
N MET A 112 -15.47 9.71 3.32
CA MET A 112 -14.31 9.81 2.43
C MET A 112 -14.72 9.20 1.10
N TYR A 113 -15.90 9.61 0.64
CA TYR A 113 -16.47 9.12 -0.60
C TYR A 113 -15.59 9.33 -1.83
N SER A 114 -15.10 10.54 -2.02
CA SER A 114 -14.26 10.85 -3.19
C SER A 114 -13.03 9.95 -3.24
N GLN A 115 -12.40 9.74 -2.08
CA GLN A 115 -11.23 8.90 -2.01
C GLN A 115 -11.59 7.46 -2.35
N CYS A 116 -12.75 7.01 -1.88
CA CYS A 116 -13.20 5.66 -2.15
C CYS A 116 -13.45 5.44 -3.63
N VAL A 117 -13.99 6.45 -4.31
CA VAL A 117 -14.24 6.32 -5.74
C VAL A 117 -12.93 6.22 -6.50
N ARG A 118 -11.91 6.93 -6.04
CA ARG A 118 -10.62 6.88 -6.71
C ARG A 118 -9.97 5.50 -6.51
N MET A 119 -10.23 4.87 -5.36
CA MET A 119 -9.65 3.55 -5.11
C MET A 119 -10.37 2.50 -5.96
N ARG A 120 -11.65 2.74 -6.27
CA ARG A 120 -12.40 1.80 -7.07
C ARG A 120 -11.92 1.90 -8.51
N HIS A 121 -11.50 3.11 -8.91
CA HIS A 121 -10.99 3.34 -10.24
C HIS A 121 -9.68 2.56 -10.36
N LEU A 122 -8.87 2.61 -9.30
CA LEU A 122 -7.61 1.87 -9.29
C LEU A 122 -7.87 0.38 -9.45
N SER A 123 -8.89 -0.13 -8.75
CA SER A 123 -9.23 -1.54 -8.84
C SER A 123 -9.61 -1.94 -10.26
N GLN A 124 -10.38 -1.07 -10.91
CA GLN A 124 -10.81 -1.30 -12.29
C GLN A 124 -9.63 -1.37 -13.23
N GLU A 125 -8.59 -0.58 -12.94
CA GLU A 125 -7.39 -0.56 -13.78
C GLU A 125 -6.70 -1.91 -13.83
N PHE A 126 -6.76 -2.68 -12.75
CA PHE A 126 -6.13 -3.98 -12.76
C PHE A 126 -6.74 -4.85 -13.86
N GLY A 127 -8.02 -4.62 -14.14
CA GLY A 127 -8.69 -5.38 -15.18
C GLY A 127 -8.48 -4.81 -16.56
N TRP A 128 -8.62 -3.50 -16.69
CA TRP A 128 -8.45 -2.83 -17.97
C TRP A 128 -7.05 -3.05 -18.53
N LEU A 129 -6.04 -2.99 -17.67
CA LEU A 129 -4.65 -3.18 -18.09
C LEU A 129 -4.23 -4.66 -18.09
N GLN A 130 -5.14 -5.56 -17.73
CA GLN A 130 -4.85 -6.98 -17.68
C GLN A 130 -3.58 -7.29 -16.90
N ILE A 131 -3.48 -6.72 -15.69
CA ILE A 131 -2.32 -6.94 -14.83
C ILE A 131 -2.28 -8.41 -14.40
N THR A 132 -1.14 -9.06 -14.58
CA THR A 132 -0.99 -10.47 -14.21
C THR A 132 -0.66 -10.59 -12.73
N PRO A 133 -0.91 -11.77 -12.14
CA PRO A 133 -0.63 -11.97 -10.72
C PRO A 133 0.84 -11.72 -10.40
N GLN A 134 1.71 -12.04 -11.35
CA GLN A 134 3.14 -11.85 -11.17
C GLN A 134 3.54 -10.36 -11.25
N GLU A 135 2.89 -9.60 -12.12
CA GLU A 135 3.18 -8.17 -12.23
C GLU A 135 2.72 -7.52 -10.93
N PHE A 136 1.55 -7.94 -10.44
CA PHE A 136 1.01 -7.41 -9.18
C PHE A 136 2.02 -7.59 -8.05
N LEU A 137 2.54 -8.80 -7.91
CA LEU A 137 3.51 -9.07 -6.84
C LEU A 137 4.76 -8.20 -6.93
N CYS A 138 5.33 -8.05 -8.12
CA CYS A 138 6.54 -7.24 -8.25
C CYS A 138 6.27 -5.76 -8.03
N MET A 139 5.14 -5.27 -8.51
CA MET A 139 4.77 -3.88 -8.35
C MET A 139 4.54 -3.54 -6.88
N LYS A 140 3.90 -4.45 -6.14
CA LYS A 140 3.64 -4.21 -4.72
C LYS A 140 4.94 -4.10 -3.94
N ALA A 141 5.91 -4.96 -4.26
CA ALA A 141 7.19 -4.91 -3.57
C ALA A 141 7.88 -3.57 -3.87
N LEU A 142 7.78 -3.10 -5.12
CA LEU A 142 8.38 -1.83 -5.49
C LEU A 142 7.79 -0.65 -4.72
N LEU A 143 6.53 -0.75 -4.33
CA LEU A 143 5.89 0.32 -3.59
C LEU A 143 6.49 0.54 -2.20
N LEU A 144 7.16 -0.47 -1.67
CA LEU A 144 7.80 -0.36 -0.36
C LEU A 144 9.02 0.56 -0.47
N PHE A 145 9.56 0.67 -1.67
CA PHE A 145 10.74 1.49 -1.91
C PHE A 145 10.44 2.71 -2.79
N SER A 146 9.27 3.33 -2.57
CA SER A 146 8.86 4.48 -3.36
C SER A 146 8.62 5.80 -2.62
N ILE A 147 9.01 5.87 -1.35
CA ILE A 147 8.84 7.11 -0.58
C ILE A 147 10.02 7.26 0.38
N ILE A 148 10.70 8.40 0.29
CA ILE A 148 11.87 8.65 1.13
C ILE A 148 11.97 10.10 1.64
N PRO A 149 12.81 10.32 2.67
CA PRO A 149 13.00 11.66 3.24
C PRO A 149 13.96 12.55 2.46
N VAL A 150 13.63 13.84 2.37
CA VAL A 150 14.47 14.80 1.66
C VAL A 150 15.85 14.86 2.32
N ASP A 151 15.89 14.64 3.62
CA ASP A 151 17.14 14.67 4.38
C ASP A 151 18.00 13.42 4.12
N GLY A 152 17.41 12.42 3.47
CA GLY A 152 18.13 11.21 3.17
C GLY A 152 18.05 10.13 4.24
N LEU A 153 18.22 8.88 3.82
CA LEU A 153 18.17 7.74 4.73
C LEU A 153 19.55 7.56 5.38
N LYS A 154 19.64 6.74 6.42
CA LYS A 154 20.91 6.49 7.09
C LYS A 154 21.94 5.97 6.10
N ASN A 155 21.54 5.02 5.27
CA ASN A 155 22.42 4.47 4.25
C ASN A 155 21.67 4.52 2.93
N GLN A 156 21.53 5.73 2.41
CA GLN A 156 20.82 5.98 1.15
C GLN A 156 21.36 5.12 0.01
N LYS A 157 22.66 4.83 0.04
CA LYS A 157 23.26 4.02 -1.01
C LYS A 157 22.69 2.60 -1.10
N PHE A 158 22.58 1.92 0.03
CA PHE A 158 22.04 0.57 0.02
C PHE A 158 20.59 0.57 -0.48
N PHE A 159 19.85 1.61 -0.13
CA PHE A 159 18.46 1.73 -0.56
C PHE A 159 18.38 1.88 -2.08
N ASP A 160 19.17 2.79 -2.63
CA ASP A 160 19.16 3.03 -4.08
C ASP A 160 19.47 1.74 -4.86
N GLU A 161 20.38 0.93 -4.33
CA GLU A 161 20.79 -0.31 -4.97
C GLU A 161 19.66 -1.34 -4.95
N LEU A 162 18.96 -1.43 -3.82
CA LEU A 162 17.87 -2.38 -3.69
C LEU A 162 16.71 -2.01 -4.61
N ARG A 163 16.36 -0.73 -4.64
CA ARG A 163 15.27 -0.25 -5.50
C ARG A 163 15.60 -0.58 -6.96
N MET A 164 16.85 -0.32 -7.35
CA MET A 164 17.27 -0.60 -8.72
C MET A 164 17.12 -2.08 -9.07
N ASN A 165 17.38 -2.95 -8.11
CA ASN A 165 17.26 -4.39 -8.34
C ASN A 165 15.81 -4.81 -8.55
N TYR A 166 14.88 -4.19 -7.84
CA TYR A 166 13.48 -4.53 -8.02
C TYR A 166 12.96 -4.01 -9.34
N ILE A 167 13.52 -2.90 -9.82
CA ILE A 167 13.13 -2.34 -11.10
C ILE A 167 13.61 -3.31 -12.18
N LYS A 168 14.81 -3.85 -12.01
CA LYS A 168 15.36 -4.80 -12.97
C LYS A 168 14.50 -6.08 -13.04
N GLU A 169 14.00 -6.52 -11.89
CA GLU A 169 13.16 -7.72 -11.88
C GLU A 169 11.83 -7.44 -12.59
N LEU A 170 11.34 -6.20 -12.51
CA LEU A 170 10.10 -5.85 -13.19
C LEU A 170 10.36 -5.89 -14.70
N ASP A 171 11.53 -5.40 -15.12
CA ASP A 171 11.89 -5.43 -16.55
C ASP A 171 11.88 -6.89 -17.04
N ARG A 172 12.45 -7.78 -16.23
CA ARG A 172 12.54 -9.20 -16.59
C ARG A 172 11.17 -9.85 -16.76
N ILE A 173 10.25 -9.56 -15.84
CA ILE A 173 8.91 -10.13 -15.92
C ILE A 173 8.21 -9.62 -17.17
N ILE A 174 8.46 -8.36 -17.54
CA ILE A 174 7.86 -7.77 -18.71
C ILE A 174 8.40 -8.38 -20.01
N ALA A 175 9.69 -8.73 -20.00
CA ALA A 175 10.33 -9.31 -21.19
C ALA A 175 10.06 -10.80 -21.38
N CYS A 176 9.54 -11.46 -20.35
CA CYS A 176 9.28 -12.90 -20.42
C CYS A 176 8.65 -13.36 -21.73
N LYS A 177 7.39 -13.04 -21.95
CA LYS A 177 6.69 -13.46 -23.17
C LYS A 177 6.76 -12.42 -24.29
N ARG A 178 7.54 -11.37 -24.08
CA ARG A 178 7.68 -10.32 -25.08
C ARG A 178 9.05 -10.37 -25.74
N LYS A 179 9.07 -10.49 -27.06
CA LYS A 179 10.32 -10.57 -27.82
C LYS A 179 10.46 -9.34 -28.71
N ASN A 180 10.05 -8.18 -28.21
CA ASN A 180 10.14 -6.93 -28.95
C ASN A 180 10.36 -5.77 -27.99
N PRO A 181 11.38 -4.93 -28.24
CA PRO A 181 11.70 -3.79 -27.39
C PRO A 181 10.55 -2.80 -27.24
N THR A 182 9.84 -2.55 -28.33
CA THR A 182 8.71 -1.60 -28.31
C THR A 182 7.57 -2.10 -27.44
N SER A 183 7.31 -3.40 -27.46
CA SER A 183 6.23 -3.96 -26.67
C SER A 183 6.57 -3.86 -25.19
N CYS A 184 7.84 -4.10 -24.86
CA CYS A 184 8.28 -4.02 -23.47
C CYS A 184 8.20 -2.57 -23.00
N SER A 185 8.68 -1.65 -23.83
CA SER A 185 8.66 -0.23 -23.48
C SER A 185 7.24 0.25 -23.19
N ARG A 186 6.29 -0.16 -24.03
CA ARG A 186 4.90 0.25 -23.85
C ARG A 186 4.34 -0.28 -22.54
N ARG A 187 4.69 -1.50 -22.16
CA ARG A 187 4.20 -2.08 -20.92
C ARG A 187 4.79 -1.37 -19.72
N PHE A 188 6.09 -1.04 -19.79
CA PHE A 188 6.74 -0.34 -18.68
C PHE A 188 6.06 1.02 -18.46
N TYR A 189 5.68 1.69 -19.55
CA TYR A 189 5.01 2.98 -19.46
C TYR A 189 3.69 2.81 -18.70
N GLN A 190 2.91 1.80 -19.08
CA GLN A 190 1.62 1.53 -18.45
C GLN A 190 1.75 1.23 -16.96
N LEU A 191 2.68 0.37 -16.60
CA LEU A 191 2.86 0.00 -15.20
C LEU A 191 3.41 1.12 -14.32
N THR A 192 4.31 1.95 -14.86
CA THR A 192 4.85 3.05 -14.06
C THR A 192 3.76 4.11 -13.86
N LYS A 193 2.88 4.28 -14.84
CA LYS A 193 1.80 5.24 -14.70
C LYS A 193 0.85 4.77 -13.60
N LEU A 194 0.58 3.46 -13.56
CA LEU A 194 -0.32 2.90 -12.55
C LEU A 194 0.30 3.08 -11.16
N LEU A 195 1.59 2.81 -11.04
CA LEU A 195 2.27 2.95 -9.76
C LEU A 195 2.24 4.40 -9.27
N ASP A 196 2.47 5.36 -10.16
CA ASP A 196 2.43 6.76 -9.78
C ASP A 196 1.04 7.14 -9.27
N SER A 197 0.01 6.57 -9.88
CA SER A 197 -1.37 6.89 -9.52
C SER A 197 -1.73 6.56 -8.07
N VAL A 198 -1.00 5.64 -7.46
CA VAL A 198 -1.25 5.25 -6.08
C VAL A 198 -0.89 6.37 -5.11
N GLN A 199 0.18 7.10 -5.42
CA GLN A 199 0.65 8.18 -4.54
C GLN A 199 -0.34 9.31 -4.20
N PRO A 200 -1.02 9.89 -5.21
CA PRO A 200 -1.96 10.96 -4.88
C PRO A 200 -3.11 10.46 -4.00
N ILE A 201 -3.51 9.20 -4.21
CA ILE A 201 -4.59 8.61 -3.43
C ILE A 201 -4.13 8.45 -1.98
N ALA A 202 -2.92 7.92 -1.80
CA ALA A 202 -2.37 7.72 -0.46
C ALA A 202 -2.25 9.07 0.27
N ARG A 203 -1.89 10.12 -0.46
CA ARG A 203 -1.76 11.46 0.14
C ARG A 203 -3.09 11.97 0.68
N GLU A 204 -4.17 11.76 -0.07
CA GLU A 204 -5.49 12.19 0.38
C GLU A 204 -5.91 11.44 1.63
N LEU A 205 -5.58 10.16 1.70
CA LEU A 205 -5.93 9.35 2.86
C LEU A 205 -5.07 9.75 4.05
N HIS A 206 -3.82 10.12 3.78
CA HIS A 206 -2.92 10.58 4.84
C HIS A 206 -3.53 11.82 5.49
N GLN A 207 -4.03 12.73 4.68
CA GLN A 207 -4.65 13.97 5.18
C GLN A 207 -5.91 13.65 5.98
N PHE A 208 -6.73 12.73 5.44
CA PHE A 208 -7.98 12.35 6.09
C PHE A 208 -7.77 11.69 7.45
N THR A 209 -6.86 10.71 7.52
CA THR A 209 -6.64 10.02 8.78
C THR A 209 -5.97 10.96 9.79
N PHE A 210 -5.13 11.87 9.32
CA PHE A 210 -4.47 12.82 10.24
C PHE A 210 -5.55 13.70 10.90
N ASP A 211 -6.42 14.29 10.08
CA ASP A 211 -7.49 15.13 10.62
C ASP A 211 -8.39 14.34 11.57
N LEU A 212 -8.65 13.07 11.23
CA LEU A 212 -9.51 12.23 12.06
C LEU A 212 -8.88 11.94 13.42
N LEU A 213 -7.57 11.71 13.45
CA LEU A 213 -6.89 11.43 14.71
C LEU A 213 -6.98 12.65 15.62
N ILE A 214 -6.76 13.84 15.05
CA ILE A 214 -6.80 15.08 15.80
C ILE A 214 -8.17 15.33 16.46
N LYS A 215 -9.24 14.93 15.78
CA LYS A 215 -10.58 15.12 16.32
C LYS A 215 -11.26 13.81 16.71
N SER A 216 -10.47 12.74 16.85
CA SER A 216 -11.02 11.42 17.18
C SER A 216 -11.88 11.36 18.43
N HIS A 217 -11.52 12.13 19.45
CA HIS A 217 -12.27 12.13 20.70
C HIS A 217 -13.64 12.79 20.55
N MET A 218 -13.81 13.60 19.51
CA MET A 218 -15.08 14.28 19.27
C MET A 218 -16.05 13.46 18.42
N VAL A 219 -15.53 12.51 17.66
CA VAL A 219 -16.37 11.68 16.79
C VAL A 219 -16.47 10.20 17.21
N SER A 220 -15.89 9.88 18.37
CA SER A 220 -15.92 8.51 18.89
C SER A 220 -15.23 7.46 18.03
N VAL A 221 -14.10 7.81 17.43
CA VAL A 221 -13.34 6.87 16.60
C VAL A 221 -12.10 6.40 17.34
N ASP A 222 -11.92 5.09 17.43
CA ASP A 222 -10.78 4.51 18.12
C ASP A 222 -9.57 4.23 17.24
N PHE A 223 -8.40 4.61 17.72
CA PHE A 223 -7.14 4.37 17.00
C PHE A 223 -6.24 3.46 17.83
N PRO A 224 -5.84 2.31 17.25
CA PRO A 224 -4.96 1.36 17.97
C PRO A 224 -3.58 1.98 18.18
N GLU A 225 -2.83 1.43 19.13
CA GLU A 225 -1.50 1.94 19.48
C GLU A 225 -0.53 2.25 18.33
N MET A 226 -0.23 1.27 17.49
CA MET A 226 0.71 1.49 16.38
C MET A 226 0.21 2.53 15.38
N MET A 227 -1.07 2.46 15.03
CA MET A 227 -1.64 3.41 14.08
C MET A 227 -1.53 4.84 14.62
N ALA A 228 -1.89 5.04 15.88
CA ALA A 228 -1.83 6.37 16.49
C ALA A 228 -0.42 6.94 16.49
N GLU A 229 0.56 6.08 16.75
CA GLU A 229 1.96 6.51 16.77
C GLU A 229 2.46 6.92 15.39
N ILE A 230 2.21 6.08 14.40
CA ILE A 230 2.65 6.36 13.03
C ILE A 230 1.97 7.60 12.42
N ILE A 231 0.68 7.76 12.68
CA ILE A 231 -0.06 8.89 12.13
C ILE A 231 0.27 10.23 12.79
N SER A 232 0.78 10.18 14.03
CA SER A 232 1.12 11.43 14.73
C SER A 232 2.60 11.78 14.63
N VAL A 233 3.44 10.80 14.28
CA VAL A 233 4.87 11.03 14.19
C VAL A 233 5.44 10.98 12.78
N GLN A 234 5.03 9.98 11.99
CA GLN A 234 5.54 9.84 10.64
C GLN A 234 4.70 10.52 9.56
N VAL A 235 3.38 10.33 9.59
CA VAL A 235 2.51 10.93 8.59
C VAL A 235 2.67 12.46 8.46
N PRO A 236 2.82 13.19 9.58
CA PRO A 236 2.96 14.65 9.42
C PRO A 236 4.24 15.05 8.66
N LYS A 237 5.23 14.15 8.62
CA LYS A 237 6.46 14.44 7.91
C LYS A 237 6.17 14.45 6.42
N ILE A 238 5.24 13.59 5.98
CA ILE A 238 4.90 13.58 4.57
C ILE A 238 4.01 14.78 4.23
N LEU A 239 3.04 15.07 5.09
CA LEU A 239 2.15 16.19 4.86
C LEU A 239 2.85 17.55 4.88
N SER A 240 3.95 17.65 5.63
CA SER A 240 4.69 18.92 5.71
C SER A 240 5.80 19.03 4.66
N GLY A 241 5.86 18.04 3.77
CA GLY A 241 6.85 18.06 2.70
C GLY A 241 8.26 17.58 2.99
N LYS A 242 8.49 17.00 4.18
CA LYS A 242 9.81 16.52 4.55
C LYS A 242 10.10 15.13 3.97
N VAL A 243 9.05 14.37 3.70
CA VAL A 243 9.16 13.03 3.12
C VAL A 243 8.31 13.05 1.86
N LYS A 244 8.86 12.60 0.74
CA LYS A 244 8.12 12.63 -0.52
C LYS A 244 8.23 11.37 -1.38
N PRO A 245 7.18 11.07 -2.16
CA PRO A 245 7.20 9.89 -3.02
C PRO A 245 8.16 10.06 -4.19
N ILE A 246 8.61 8.94 -4.76
CA ILE A 246 9.49 8.95 -5.92
C ILE A 246 8.57 8.68 -7.10
N TYR A 247 8.33 9.70 -7.91
CA TYR A 247 7.46 9.55 -9.07
C TYR A 247 8.29 9.16 -10.29
N PHE A 248 7.70 8.40 -11.20
CA PHE A 248 8.39 8.01 -12.43
C PHE A 248 8.20 9.13 -13.44
N HIS A 249 6.98 9.63 -13.52
CA HIS A 249 6.62 10.69 -14.45
C HIS A 249 6.41 11.97 -13.66
N THR A 250 6.53 13.11 -14.33
CA THR A 250 6.39 14.38 -13.65
C THR A 250 4.93 14.79 -13.49
N GLN A 251 4.45 14.75 -12.26
CA GLN A 251 3.07 15.10 -11.91
C GLN A 251 2.75 14.54 -10.53
N HIS B 2 4.40 0.40 24.07
CA HIS B 2 5.05 1.32 23.09
C HIS B 2 6.14 0.57 22.33
N LYS B 3 7.40 0.93 22.60
CA LYS B 3 8.54 0.31 21.96
C LYS B 3 8.36 0.25 20.45
N ILE B 4 8.08 1.41 19.85
CA ILE B 4 7.88 1.52 18.41
C ILE B 4 7.09 0.31 17.89
N LEU B 5 7.30 -0.06 16.63
CA LEU B 5 6.60 -1.22 16.08
C LEU B 5 7.10 -2.45 16.84
N HIS B 6 8.31 -2.34 17.37
CA HIS B 6 8.94 -3.41 18.16
C HIS B 6 9.32 -4.66 17.37
N ARG B 7 8.33 -5.31 16.76
CA ARG B 7 8.57 -6.52 16.00
C ARG B 7 9.15 -6.26 14.61
N LEU B 8 9.99 -5.25 14.50
CA LEU B 8 10.62 -4.91 13.22
C LEU B 8 11.69 -5.93 12.86
#